data_9KKG
#
_entry.id   9KKG
#
_cell.length_a   59.290
_cell.length_b   59.290
_cell.length_c   187.240
_cell.angle_alpha   90.000
_cell.angle_beta   90.000
_cell.angle_gamma   120.000
#
_symmetry.space_group_name_H-M   'P 32 2 1'
#
loop_
_entity.id
_entity.type
_entity.pdbx_description
1 polymer 'Ferredoxin--NADP reductase, chloroplastic'
2 non-polymer '2-(N-MORPHOLINO)-ETHANESULFONIC ACID'
3 non-polymer GLYCEROL
4 non-polymer 'FLAVIN-ADENINE DINUCLEOTIDE'
5 water water
#
_entity_poly.entity_id   1
_entity_poly.type   'polypeptide(L)'
_entity_poly.pdbx_seq_one_letter_code
;SRSKVSVAPLHLESAKEPPLNTYKPKEPFTATIVSVESLVGPKAPGETCHIVIDHGGNVPYWEGQSYGVIPPGENPKKPG
APQNVRLYSIASTRYGDNFDGRTGSLCVRRAVYYDPETGKEDPSKNGVCSNFLCNSKPGDKIQLTGPSGKIMLLPEEDPN
ATHIMIATGTGVAPFRGYLRRMFMEDVPNYRFGGLAWLFLGVANSDSLLYDEEFTSYLKQYPDNFRYDKALSREQKNRSG
GKMYVQDKIEEYSDEIFKLLDGGAHIYFCGLKGMMPGIQDTLKKVAERRGESWDQKLAQLKKNKQWHVEVY
;
_entity_poly.pdbx_strand_id   A
#
loop_
_chem_comp.id
_chem_comp.type
_chem_comp.name
_chem_comp.formula
FAD non-polymer 'FLAVIN-ADENINE DINUCLEOTIDE' 'C27 H33 N9 O15 P2'
GOL non-polymer GLYCEROL 'C3 H8 O3'
MES non-polymer '2-(N-MORPHOLINO)-ETHANESULFONIC ACID' 'C6 H13 N O4 S'
#
# COMPACT_ATOMS: atom_id res chain seq x y z
N SER A 3 -6.42 -20.06 -13.72
CA SER A 3 -7.84 -20.25 -13.39
C SER A 3 -8.21 -19.49 -12.13
N LYS A 4 -9.22 -18.64 -12.25
CA LYS A 4 -9.56 -17.71 -11.17
CA LYS A 4 -9.55 -17.72 -11.18
C LYS A 4 -10.28 -18.43 -10.04
N VAL A 5 -10.06 -17.94 -8.83
CA VAL A 5 -10.54 -18.55 -7.59
C VAL A 5 -12.00 -18.16 -7.37
N SER A 6 -12.84 -19.14 -7.06
CA SER A 6 -14.23 -18.84 -6.75
CA SER A 6 -14.24 -18.86 -6.74
C SER A 6 -14.33 -18.04 -5.46
N VAL A 7 -15.12 -16.97 -5.49
CA VAL A 7 -15.33 -16.11 -4.34
C VAL A 7 -16.82 -16.05 -4.07
N ALA A 8 -17.17 -15.83 -2.82
CA ALA A 8 -18.56 -15.75 -2.38
C ALA A 8 -18.63 -14.78 -1.23
N PRO A 9 -19.79 -14.15 -1.01
CA PRO A 9 -21.01 -14.21 -1.82
C PRO A 9 -21.05 -13.12 -2.86
N LEU A 10 -21.54 -13.45 -4.07
CA LEU A 10 -21.52 -12.48 -5.15
C LEU A 10 -22.44 -11.29 -4.90
N HIS A 11 -23.33 -11.35 -3.90
CA HIS A 11 -24.10 -10.17 -3.55
C HIS A 11 -23.24 -9.01 -3.07
N LEU A 12 -21.96 -9.24 -2.76
CA LEU A 12 -21.08 -8.10 -2.45
C LEU A 12 -20.85 -7.18 -3.65
N GLU A 13 -21.21 -7.62 -4.87
CA GLU A 13 -21.11 -6.76 -6.04
C GLU A 13 -22.32 -5.87 -6.22
N SER A 14 -23.39 -6.08 -5.43
CA SER A 14 -24.66 -5.42 -5.74
C SER A 14 -24.67 -3.95 -5.36
N ALA A 15 -24.03 -3.58 -4.25
CA ALA A 15 -24.07 -2.20 -3.80
C ALA A 15 -23.49 -1.26 -4.86
N LYS A 16 -24.12 -0.11 -5.03
CA LYS A 16 -23.66 0.83 -6.03
C LYS A 16 -22.78 1.94 -5.46
N GLU A 17 -22.67 2.02 -4.14
CA GLU A 17 -21.83 2.99 -3.47
C GLU A 17 -21.02 2.26 -2.42
N PRO A 18 -19.80 2.75 -2.11
CA PRO A 18 -18.99 2.09 -1.09
C PRO A 18 -19.58 2.34 0.29
N PRO A 19 -19.47 1.37 1.20
CA PRO A 19 -19.88 1.63 2.58
C PRO A 19 -18.96 2.67 3.21
N LEU A 20 -19.53 3.52 4.07
CA LEU A 20 -18.74 4.52 4.78
C LEU A 20 -19.26 4.66 6.19
N ASN A 21 -18.35 4.56 7.17
CA ASN A 21 -18.69 4.84 8.57
C ASN A 21 -19.80 3.96 9.10
N THR A 22 -19.83 2.71 8.63
CA THR A 22 -20.80 1.73 9.11
C THR A 22 -20.72 1.59 10.61
N TYR A 23 -19.51 1.53 11.16
CA TYR A 23 -19.28 1.55 12.59
C TYR A 23 -18.48 2.80 12.94
N LYS A 24 -18.90 3.45 14.00
CA LYS A 24 -18.33 4.70 14.45
C LYS A 24 -17.57 4.51 15.75
N PRO A 25 -16.66 5.43 16.11
CA PRO A 25 -15.77 5.17 17.24
C PRO A 25 -16.46 4.92 18.56
N LYS A 26 -17.61 5.55 18.82
CA LYS A 26 -18.26 5.33 20.11
C LYS A 26 -18.88 3.95 20.23
N GLU A 27 -19.18 3.28 19.12
CA GLU A 27 -19.73 1.92 19.13
C GLU A 27 -19.07 1.11 18.02
N PRO A 28 -17.82 0.71 18.21
CA PRO A 28 -17.12 -0.05 17.18
C PRO A 28 -17.69 -1.45 17.03
N PHE A 29 -17.28 -2.12 15.96
CA PHE A 29 -17.56 -3.54 15.81
C PHE A 29 -16.45 -4.34 16.46
N THR A 30 -16.80 -5.29 17.33
CA THR A 30 -15.78 -6.13 17.97
C THR A 30 -15.50 -7.31 17.05
N ALA A 31 -14.40 -7.21 16.32
CA ALA A 31 -13.92 -8.22 15.39
C ALA A 31 -12.96 -9.16 16.10
N THR A 32 -12.62 -10.26 15.42
CA THR A 32 -11.77 -11.29 16.00
C THR A 32 -10.59 -11.58 15.08
N ILE A 33 -9.39 -11.61 15.66
CA ILE A 33 -8.19 -11.94 14.90
C ILE A 33 -8.23 -13.40 14.46
N VAL A 34 -7.96 -13.61 13.18
CA VAL A 34 -7.77 -14.95 12.63
C VAL A 34 -6.31 -15.36 12.66
N SER A 35 -5.42 -14.48 12.20
CA SER A 35 -4.01 -14.80 12.13
C SER A 35 -3.19 -13.52 12.07
N VAL A 36 -1.94 -13.63 12.52
CA VAL A 36 -0.93 -12.58 12.41
C VAL A 36 0.37 -13.27 12.00
N GLU A 37 1.01 -12.77 10.94
CA GLU A 37 2.27 -13.34 10.49
CA GLU A 37 2.26 -13.34 10.47
C GLU A 37 3.20 -12.23 10.02
N SER A 38 4.48 -12.40 10.26
CA SER A 38 5.45 -11.46 9.72
C SER A 38 5.54 -11.65 8.21
N LEU A 39 5.65 -10.54 7.49
CA LEU A 39 5.83 -10.55 6.04
C LEU A 39 7.27 -10.44 5.62
N VAL A 40 8.21 -10.34 6.56
CA VAL A 40 9.57 -9.90 6.24
C VAL A 40 10.58 -10.89 6.79
N GLY A 41 11.78 -10.83 6.22
CA GLY A 41 12.87 -11.69 6.61
C GLY A 41 13.81 -11.03 7.60
N PRO A 42 14.85 -11.76 8.01
CA PRO A 42 15.67 -11.29 9.13
C PRO A 42 16.48 -10.03 8.86
N LYS A 43 16.75 -9.68 7.60
CA LYS A 43 17.50 -8.48 7.29
C LYS A 43 16.62 -7.24 7.17
N ALA A 44 15.30 -7.37 7.30
CA ALA A 44 14.45 -6.19 7.22
C ALA A 44 14.72 -5.27 8.41
N PRO A 45 14.74 -3.95 8.19
CA PRO A 45 15.04 -3.03 9.30
C PRO A 45 14.00 -3.06 10.41
N GLY A 46 12.77 -3.46 10.13
CA GLY A 46 11.76 -3.60 11.17
C GLY A 46 10.73 -4.57 10.67
N GLU A 47 9.79 -4.91 11.55
CA GLU A 47 8.77 -5.89 11.22
C GLU A 47 7.56 -5.22 10.57
N THR A 48 7.04 -5.86 9.52
CA THR A 48 5.73 -5.56 8.96
C THR A 48 4.97 -6.87 8.97
N CYS A 49 3.73 -6.85 9.45
N CYS A 49 3.72 -6.84 9.45
CA CYS A 49 2.93 -8.05 9.59
CA CYS A 49 2.93 -8.06 9.65
C CYS A 49 1.71 -8.00 8.70
C CYS A 49 1.63 -8.00 8.86
N HIS A 50 1.14 -9.18 8.48
CA HIS A 50 -0.13 -9.35 7.81
C HIS A 50 -1.13 -9.85 8.84
N ILE A 51 -2.22 -9.11 9.03
CA ILE A 51 -3.23 -9.38 10.04
C ILE A 51 -4.54 -9.72 9.34
N VAL A 52 -5.11 -10.89 9.63
CA VAL A 52 -6.41 -11.29 9.09
C VAL A 52 -7.44 -11.14 10.21
N ILE A 53 -8.52 -10.44 9.91
CA ILE A 53 -9.55 -10.03 10.88
C ILE A 53 -10.91 -10.55 10.42
N ASP A 54 -11.58 -11.32 11.27
CA ASP A 54 -12.94 -11.78 10.99
C ASP A 54 -13.92 -10.70 11.42
N HIS A 55 -14.58 -10.06 10.45
CA HIS A 55 -15.64 -9.10 10.68
C HIS A 55 -17.03 -9.70 10.51
N GLY A 56 -17.10 -10.98 10.19
CA GLY A 56 -18.37 -11.70 10.11
C GLY A 56 -19.28 -11.27 8.98
N GLY A 57 -18.79 -10.48 8.02
CA GLY A 57 -19.66 -9.87 7.05
C GLY A 57 -20.35 -8.62 7.53
N ASN A 58 -20.07 -8.19 8.76
CA ASN A 58 -20.71 -7.00 9.32
C ASN A 58 -20.02 -5.70 8.90
N VAL A 59 -18.78 -5.76 8.45
CA VAL A 59 -18.08 -4.53 8.06
C VAL A 59 -17.53 -4.68 6.63
N PRO A 60 -18.39 -4.84 5.64
CA PRO A 60 -17.92 -4.95 4.26
C PRO A 60 -17.30 -3.63 3.79
N TYR A 61 -16.54 -3.72 2.70
CA TYR A 61 -15.80 -2.57 2.19
C TYR A 61 -15.55 -2.80 0.70
N TRP A 62 -15.08 -1.75 0.03
CA TRP A 62 -14.57 -1.87 -1.32
C TRP A 62 -13.06 -1.77 -1.30
N GLU A 63 -12.43 -2.33 -2.34
CA GLU A 63 -10.98 -2.26 -2.46
C GLU A 63 -10.53 -0.81 -2.44
N GLY A 64 -9.43 -0.55 -1.74
CA GLY A 64 -8.88 0.79 -1.61
C GLY A 64 -9.31 1.54 -0.38
N GLN A 65 -10.31 1.04 0.36
CA GLN A 65 -10.75 1.69 1.59
C GLN A 65 -9.84 1.33 2.75
N SER A 66 -10.08 1.99 3.89
CA SER A 66 -9.35 1.75 5.12
C SER A 66 -10.30 1.29 6.23
N TYR A 67 -9.76 0.50 7.15
CA TYR A 67 -10.43 0.24 8.42
C TYR A 67 -9.80 1.13 9.49
N GLY A 68 -10.60 1.53 10.47
CA GLY A 68 -10.08 2.11 11.69
C GLY A 68 -9.95 1.03 12.77
N VAL A 69 -8.92 1.17 13.59
CA VAL A 69 -8.72 0.32 14.76
C VAL A 69 -8.54 1.23 15.97
N ILE A 70 -9.26 0.94 17.04
CA ILE A 70 -9.11 1.66 18.30
C ILE A 70 -8.33 0.75 19.24
N PRO A 71 -7.06 1.03 19.50
CA PRO A 71 -6.30 0.17 20.41
C PRO A 71 -6.81 0.33 21.82
N PRO A 72 -6.53 -0.63 22.70
CA PRO A 72 -7.03 -0.56 24.08
CA PRO A 72 -7.04 -0.56 24.07
C PRO A 72 -6.36 0.54 24.88
N GLY A 73 -6.99 0.87 26.01
CA GLY A 73 -6.42 1.81 26.95
C GLY A 73 -7.08 3.18 26.89
N GLU A 74 -6.67 4.02 27.84
CA GLU A 74 -7.13 5.40 27.91
C GLU A 74 -6.36 6.28 26.93
N ASN A 75 -7.04 7.28 26.40
CA ASN A 75 -6.38 8.30 25.60
C ASN A 75 -5.46 9.09 26.52
N PRO A 76 -4.14 9.09 26.27
CA PRO A 76 -3.23 9.82 27.17
C PRO A 76 -3.48 11.32 27.23
N LYS A 77 -4.19 11.88 26.26
CA LYS A 77 -4.47 13.31 26.24
C LYS A 77 -5.88 13.66 26.72
N LYS A 78 -6.77 12.69 26.83
CA LYS A 78 -8.12 12.90 27.35
C LYS A 78 -8.41 11.81 28.37
N PRO A 79 -8.31 12.11 29.67
CA PRO A 79 -8.55 11.08 30.69
C PRO A 79 -9.98 10.57 30.63
N GLY A 80 -10.13 9.25 30.82
CA GLY A 80 -11.42 8.62 30.77
C GLY A 80 -11.97 8.39 29.38
N ALA A 81 -11.25 8.79 28.33
CA ALA A 81 -11.68 8.67 26.96
C ALA A 81 -10.94 7.52 26.28
N PRO A 82 -11.56 6.89 25.29
CA PRO A 82 -10.86 5.84 24.54
C PRO A 82 -9.77 6.43 23.67
N GLN A 83 -8.90 5.55 23.19
CA GLN A 83 -7.84 5.95 22.27
C GLN A 83 -8.42 6.42 20.94
N ASN A 84 -7.67 7.28 20.26
CA ASN A 84 -8.03 7.70 18.91
C ASN A 84 -7.92 6.53 17.93
N VAL A 85 -8.81 6.56 16.93
CA VAL A 85 -8.72 5.63 15.81
C VAL A 85 -7.39 5.79 15.09
N ARG A 86 -6.78 4.67 14.70
CA ARG A 86 -5.73 4.65 13.68
C ARG A 86 -6.27 3.97 12.43
N LEU A 87 -5.98 4.54 11.27
CA LEU A 87 -6.47 4.03 10.00
C LEU A 87 -5.44 3.11 9.33
N TYR A 88 -5.93 2.05 8.70
CA TYR A 88 -5.06 1.12 7.97
C TYR A 88 -5.69 0.81 6.63
N SER A 89 -4.95 1.02 5.54
CA SER A 89 -5.42 0.62 4.22
C SER A 89 -5.72 -0.87 4.21
N ILE A 90 -6.89 -1.25 3.72
CA ILE A 90 -7.20 -2.67 3.66
C ILE A 90 -6.38 -3.32 2.55
N ALA A 91 -5.74 -4.45 2.88
CA ALA A 91 -4.82 -5.14 1.98
C ALA A 91 -5.48 -6.31 1.28
N SER A 92 -6.76 -6.53 1.52
CA SER A 92 -7.53 -7.63 0.95
C SER A 92 -8.59 -7.09 -0.01
N THR A 93 -9.11 -7.99 -0.85
CA THR A 93 -10.29 -7.66 -1.62
C THR A 93 -11.51 -7.69 -0.71
N ARG A 94 -12.66 -7.26 -1.24
CA ARG A 94 -13.90 -7.32 -0.50
C ARG A 94 -14.26 -8.75 -0.07
N TYR A 95 -13.76 -9.77 -0.76
CA TYR A 95 -14.00 -11.16 -0.37
C TYR A 95 -13.04 -11.63 0.70
N GLY A 96 -11.87 -11.00 0.79
CA GLY A 96 -10.90 -11.35 1.81
C GLY A 96 -10.11 -12.59 1.47
N ASP A 97 -9.13 -12.87 2.33
CA ASP A 97 -8.15 -13.91 2.07
C ASP A 97 -8.73 -15.32 2.16
N ASN A 98 -9.92 -15.48 2.73
CA ASN A 98 -10.63 -16.74 2.79
CA ASN A 98 -10.59 -16.76 2.73
C ASN A 98 -11.72 -16.83 1.71
N PHE A 99 -11.81 -15.83 0.84
CA PHE A 99 -12.69 -15.89 -0.33
C PHE A 99 -14.16 -16.03 0.03
N ASP A 100 -14.56 -15.51 1.19
CA ASP A 100 -15.88 -15.77 1.76
C ASP A 100 -16.60 -14.52 2.23
N GLY A 101 -16.03 -13.32 2.04
CA GLY A 101 -16.72 -12.13 2.47
C GLY A 101 -16.80 -11.92 3.96
N ARG A 102 -16.01 -12.66 4.75
CA ARG A 102 -16.08 -12.54 6.20
CA ARG A 102 -16.07 -12.57 6.20
C ARG A 102 -14.84 -11.96 6.84
N THR A 103 -13.73 -11.84 6.12
CA THR A 103 -12.49 -11.36 6.70
C THR A 103 -11.91 -10.25 5.85
N GLY A 104 -11.14 -9.39 6.52
CA GLY A 104 -10.31 -8.43 5.84
C GLY A 104 -8.92 -8.47 6.44
N SER A 105 -7.94 -7.93 5.72
CA SER A 105 -6.56 -8.01 6.14
C SER A 105 -5.89 -6.66 6.12
N LEU A 106 -4.94 -6.48 7.04
CA LEU A 106 -4.12 -5.28 7.15
C LEU A 106 -2.66 -5.63 7.02
N CYS A 107 -1.89 -4.67 6.53
CA CYS A 107 -0.45 -4.75 6.31
C CYS A 107 0.16 -3.68 7.20
N VAL A 108 0.74 -4.07 8.34
CA VAL A 108 1.03 -3.16 9.44
C VAL A 108 2.51 -3.15 9.75
N ARG A 109 3.13 -1.97 9.65
CA ARG A 109 4.51 -1.76 10.04
C ARG A 109 4.60 -1.40 11.53
N ARG A 110 5.38 -2.17 12.27
CA ARG A 110 5.58 -1.87 13.68
C ARG A 110 6.34 -0.55 13.81
N ALA A 111 5.78 0.39 14.57
CA ALA A 111 6.47 1.65 14.86
C ALA A 111 7.20 1.50 16.20
N VAL A 112 8.53 1.41 16.14
CA VAL A 112 9.38 1.19 17.31
C VAL A 112 10.29 2.39 17.51
N TYR A 113 10.43 2.82 18.77
CA TYR A 113 11.26 3.96 19.10
C TYR A 113 12.66 3.50 19.49
N TYR A 114 13.65 4.19 18.96
CA TYR A 114 15.05 3.98 19.33
C TYR A 114 15.65 5.35 19.64
N ASP A 115 16.35 5.46 20.76
CA ASP A 115 17.03 6.71 21.04
C ASP A 115 17.99 7.00 19.90
N PRO A 116 18.02 8.24 19.37
CA PRO A 116 18.83 8.50 18.18
C PRO A 116 20.32 8.32 18.40
N GLU A 117 20.81 8.39 19.63
CA GLU A 117 22.23 8.21 19.89
C GLU A 117 22.60 6.81 20.37
N THR A 118 21.82 6.26 21.32
N THR A 118 21.96 6.34 21.44
CA THR A 118 22.12 4.97 21.93
CA THR A 118 22.41 5.07 22.01
C THR A 118 21.28 3.81 21.39
C THR A 118 21.98 3.88 21.16
N GLY A 119 20.17 4.09 20.70
N GLY A 119 21.07 4.07 20.21
CA GLY A 119 19.29 3.05 20.22
CA GLY A 119 20.47 2.96 19.51
C GLY A 119 18.42 2.40 21.28
C GLY A 119 19.58 2.09 20.38
N LYS A 120 18.45 2.91 22.51
N LYS A 120 19.54 2.33 21.68
CA LYS A 120 17.69 2.28 23.59
CA LYS A 120 18.72 1.51 22.57
C LYS A 120 16.18 2.44 23.36
C LYS A 120 17.24 1.73 22.27
N GLU A 121 15.45 1.36 23.62
N GLU A 121 16.50 0.62 22.17
CA GLU A 121 14.01 1.33 23.48
CA GLU A 121 15.06 0.71 22.03
C GLU A 121 13.34 2.01 24.66
C GLU A 121 14.46 1.24 23.32
N ASP A 122 12.05 2.26 24.51
N ASP A 122 13.32 1.92 23.18
CA ASP A 122 11.20 2.81 25.55
CA ASP A 122 12.50 2.30 24.32
C ASP A 122 9.78 2.39 25.22
C ASP A 122 11.08 1.89 24.01
N PRO A 123 9.20 1.45 25.95
N PRO A 123 10.64 0.72 24.51
CA PRO A 123 7.85 0.98 25.61
CA PRO A 123 9.29 0.25 24.20
C PRO A 123 6.80 2.08 25.62
C PRO A 123 8.19 1.21 24.62
N SER A 124 6.99 3.12 26.44
N SER A 124 8.43 2.05 25.63
CA SER A 124 6.02 4.20 26.53
CA SER A 124 7.41 3.00 26.07
C SER A 124 6.00 5.08 25.29
C SER A 124 7.10 4.05 25.01
N LYS A 125 7.00 4.97 24.42
N LYS A 125 8.00 4.23 24.03
CA LYS A 125 7.10 5.78 23.22
CA LYS A 125 7.80 5.19 22.97
C LYS A 125 6.80 4.98 21.95
C LYS A 125 7.49 4.53 21.63
N ASN A 126 6.47 3.69 22.08
N ASN A 126 7.22 3.23 21.63
CA ASN A 126 6.13 2.90 20.91
CA ASN A 126 6.86 2.55 20.40
C ASN A 126 4.78 3.34 20.35
C ASN A 126 5.42 2.93 20.00
N GLY A 127 4.60 3.11 19.06
N GLY A 127 5.10 2.68 18.74
CA GLY A 127 3.29 3.33 18.47
CA GLY A 127 3.75 2.99 18.26
C GLY A 127 2.27 2.37 19.06
C GLY A 127 2.74 2.06 18.89
N VAL A 128 1.18 2.90 19.61
N VAL A 128 1.62 2.61 19.36
CA VAL A 128 0.24 2.07 20.36
CA VAL A 128 0.66 1.84 20.15
C VAL A 128 -0.38 1.00 19.45
C VAL A 128 -0.16 0.89 19.27
N CYS A 129 -0.93 1.43 18.31
CA CYS A 129 -1.80 0.57 17.54
C CYS A 129 -1.03 -0.41 16.67
N SER A 130 0.10 0.01 16.09
CA SER A 130 0.83 -0.89 15.21
C SER A 130 1.40 -2.06 16.00
N ASN A 131 1.94 -1.78 17.19
CA ASN A 131 2.43 -2.87 18.01
C ASN A 131 1.29 -3.73 18.55
N PHE A 132 0.18 -3.11 18.94
CA PHE A 132 -1.00 -3.87 19.37
C PHE A 132 -1.39 -4.89 18.30
N LEU A 133 -1.45 -4.43 17.05
CA LEU A 133 -1.85 -5.30 15.95
C LEU A 133 -0.83 -6.41 15.70
N CYS A 134 0.45 -6.04 15.59
CA CYS A 134 1.49 -7.03 15.32
CA CYS A 134 1.42 -7.09 15.28
C CYS A 134 1.69 -8.02 16.46
N ASN A 135 1.33 -7.63 17.68
CA ASN A 135 1.38 -8.49 18.87
C ASN A 135 0.14 -9.36 19.03
N SER A 136 -0.86 -9.21 18.16
CA SER A 136 -2.11 -9.93 18.34
C SER A 136 -1.97 -11.40 17.98
N LYS A 137 -2.92 -12.20 18.46
CA LYS A 137 -2.90 -13.64 18.29
C LYS A 137 -4.30 -14.09 17.93
N PRO A 138 -4.44 -15.25 17.28
CA PRO A 138 -5.77 -15.79 16.97
C PRO A 138 -6.69 -15.76 18.19
N GLY A 139 -7.91 -15.31 17.97
CA GLY A 139 -8.90 -15.20 19.02
C GLY A 139 -8.96 -13.87 19.73
N ASP A 140 -7.91 -13.04 19.62
CA ASP A 140 -7.96 -11.73 20.23
C ASP A 140 -9.05 -10.87 19.58
N LYS A 141 -9.59 -9.94 20.36
CA LYS A 141 -10.65 -9.05 19.89
C LYS A 141 -10.06 -7.70 19.51
N ILE A 142 -10.60 -7.10 18.46
CA ILE A 142 -10.19 -5.82 17.88
CA ILE A 142 -10.19 -5.76 18.09
C ILE A 142 -11.42 -4.92 17.78
N GLN A 143 -11.32 -3.65 18.17
CA GLN A 143 -12.39 -2.68 17.98
C GLN A 143 -12.19 -2.04 16.62
N LEU A 144 -13.09 -2.37 15.70
CA LEU A 144 -13.01 -1.97 14.30
C LEU A 144 -14.01 -0.86 14.01
N THR A 145 -13.58 0.15 13.24
CA THR A 145 -14.47 1.21 12.78
C THR A 145 -14.34 1.36 11.27
N GLY A 146 -15.31 2.10 10.70
CA GLY A 146 -15.31 2.40 9.29
C GLY A 146 -16.27 1.51 8.54
N PRO A 147 -15.91 1.14 7.29
CA PRO A 147 -14.68 1.54 6.61
C PRO A 147 -14.75 3.02 6.23
N SER A 148 -13.65 3.55 5.73
CA SER A 148 -13.69 4.93 5.30
C SER A 148 -12.72 5.14 4.16
N GLY A 149 -12.89 6.27 3.50
CA GLY A 149 -12.03 6.66 2.41
C GLY A 149 -12.64 6.35 1.06
N LYS A 150 -12.44 7.29 0.14
CA LYS A 150 -12.79 7.09 -1.25
C LYS A 150 -11.66 7.40 -2.23
N ILE A 151 -10.53 7.96 -1.77
CA ILE A 151 -9.50 8.41 -2.70
CA ILE A 151 -9.49 8.41 -2.69
C ILE A 151 -8.98 7.26 -3.55
N MET A 152 -8.88 6.06 -2.95
CA MET A 152 -8.21 4.93 -3.58
C MET A 152 -9.22 3.89 -4.09
N LEU A 153 -10.48 4.25 -4.26
CA LEU A 153 -11.39 3.33 -4.94
C LEU A 153 -10.88 3.05 -6.35
N LEU A 154 -11.07 1.82 -6.81
CA LEU A 154 -10.60 1.44 -8.13
C LEU A 154 -11.61 1.89 -9.19
N PRO A 155 -11.21 2.73 -10.17
CA PRO A 155 -12.13 3.08 -11.25
C PRO A 155 -12.36 1.87 -12.15
N GLU A 156 -13.58 1.34 -12.14
CA GLU A 156 -13.90 0.12 -12.88
C GLU A 156 -14.74 0.37 -14.14
N GLU A 157 -15.08 1.63 -14.43
CA GLU A 157 -15.91 1.94 -15.59
C GLU A 157 -15.30 1.39 -16.88
N ASP A 158 -13.99 1.45 -17.01
CA ASP A 158 -13.28 0.91 -18.16
C ASP A 158 -12.54 -0.34 -17.71
N PRO A 159 -13.04 -1.55 -18.00
CA PRO A 159 -12.33 -2.77 -17.57
C PRO A 159 -11.03 -3.00 -18.31
N ASN A 160 -10.71 -2.18 -19.31
CA ASN A 160 -9.44 -2.23 -20.03
C ASN A 160 -8.56 -1.02 -19.75
N ALA A 161 -8.82 -0.32 -18.65
CA ALA A 161 -8.01 0.82 -18.23
C ALA A 161 -6.58 0.38 -17.91
N THR A 162 -5.69 1.35 -17.84
CA THR A 162 -4.32 1.15 -17.36
C THR A 162 -4.19 1.76 -15.97
N HIS A 163 -3.60 0.99 -15.05
CA HIS A 163 -3.46 1.37 -13.65
C HIS A 163 -1.98 1.23 -13.26
N ILE A 164 -1.33 2.35 -13.02
CA ILE A 164 0.08 2.40 -12.63
C ILE A 164 0.12 2.64 -11.12
N MET A 165 0.61 1.64 -10.37
CA MET A 165 0.48 1.60 -8.92
C MET A 165 1.86 1.81 -8.31
N ILE A 166 2.06 2.92 -7.58
CA ILE A 166 3.36 3.29 -7.01
C ILE A 166 3.27 3.17 -5.50
N ALA A 167 3.97 2.18 -4.93
CA ALA A 167 3.92 1.90 -3.50
C ALA A 167 5.31 2.00 -2.88
N THR A 168 5.35 2.46 -1.63
CA THR A 168 6.48 2.19 -0.74
C THR A 168 5.97 1.51 0.52
N GLY A 169 6.70 0.50 0.97
CA GLY A 169 6.34 -0.19 2.21
C GLY A 169 4.89 -0.61 2.25
N THR A 170 4.22 -0.28 3.36
CA THR A 170 2.84 -0.68 3.57
C THR A 170 1.87 -0.06 2.57
N GLY A 171 2.31 0.94 1.80
CA GLY A 171 1.51 1.46 0.71
C GLY A 171 1.16 0.43 -0.34
N VAL A 172 1.79 -0.75 -0.32
CA VAL A 172 1.40 -1.82 -1.22
C VAL A 172 -0.02 -2.32 -0.94
N ALA A 173 -0.54 -2.05 0.26
CA ALA A 173 -1.81 -2.65 0.71
C ALA A 173 -2.98 -2.52 -0.28
N PRO A 174 -3.38 -1.32 -0.71
CA PRO A 174 -4.54 -1.27 -1.63
C PRO A 174 -4.26 -2.01 -2.92
N PHE A 175 -3.01 -2.03 -3.36
CA PHE A 175 -2.67 -2.68 -4.63
C PHE A 175 -2.76 -4.20 -4.52
N ARG A 176 -2.46 -4.78 -3.36
CA ARG A 176 -2.73 -6.21 -3.19
C ARG A 176 -4.21 -6.50 -3.45
N GLY A 177 -5.09 -5.65 -2.94
CA GLY A 177 -6.52 -5.80 -3.19
C GLY A 177 -6.90 -5.58 -4.64
N TYR A 178 -6.39 -4.51 -5.26
CA TYR A 178 -6.68 -4.27 -6.68
C TYR A 178 -6.31 -5.50 -7.50
N LEU A 179 -5.09 -5.99 -7.27
CA LEU A 179 -4.53 -7.01 -8.16
C LEU A 179 -5.21 -8.36 -7.96
N ARG A 180 -5.61 -8.70 -6.74
CA ARG A 180 -6.39 -9.92 -6.58
C ARG A 180 -7.73 -9.82 -7.30
N ARG A 181 -8.38 -8.65 -7.24
CA ARG A 181 -9.63 -8.46 -7.96
C ARG A 181 -9.42 -8.52 -9.47
N MET A 182 -8.31 -7.94 -9.96
CA MET A 182 -8.03 -7.95 -11.38
C MET A 182 -7.68 -9.32 -11.91
N PHE A 183 -6.93 -10.11 -11.14
CA PHE A 183 -6.30 -11.31 -11.67
C PHE A 183 -6.66 -12.60 -10.96
N MET A 184 -6.83 -12.58 -9.64
CA MET A 184 -6.97 -13.81 -8.87
C MET A 184 -8.38 -14.34 -8.77
N GLU A 185 -9.35 -13.47 -8.52
CA GLU A 185 -10.69 -13.87 -8.11
C GLU A 185 -11.63 -13.96 -9.31
N ASP A 186 -12.58 -14.89 -9.24
CA ASP A 186 -13.57 -15.03 -10.31
C ASP A 186 -14.71 -14.05 -10.05
N VAL A 187 -14.59 -12.85 -10.59
CA VAL A 187 -15.60 -11.79 -10.42
C VAL A 187 -16.25 -11.56 -11.78
N PRO A 188 -17.41 -12.16 -12.04
CA PRO A 188 -17.92 -12.14 -13.41
C PRO A 188 -18.23 -10.76 -13.95
N ASN A 189 -18.55 -9.81 -13.10
CA ASN A 189 -18.94 -8.49 -13.59
C ASN A 189 -17.74 -7.56 -13.72
N TYR A 190 -16.51 -7.99 -13.40
CA TYR A 190 -15.29 -7.20 -13.59
C TYR A 190 -14.19 -8.09 -14.17
N ARG A 191 -14.08 -8.07 -15.48
CA ARG A 191 -13.08 -8.84 -16.22
C ARG A 191 -12.04 -7.85 -16.73
N PHE A 192 -10.91 -7.79 -16.03
CA PHE A 192 -9.88 -6.81 -16.36
C PHE A 192 -9.05 -7.26 -17.55
N GLY A 193 -8.93 -6.41 -18.56
CA GLY A 193 -8.15 -6.71 -19.75
C GLY A 193 -7.20 -5.59 -20.13
N GLY A 194 -6.90 -4.69 -19.19
CA GLY A 194 -5.96 -3.60 -19.40
C GLY A 194 -4.56 -3.96 -18.97
N LEU A 195 -3.82 -2.94 -18.54
CA LEU A 195 -2.48 -3.10 -18.02
C LEU A 195 -2.45 -2.61 -16.58
N ALA A 196 -2.01 -3.48 -15.67
CA ALA A 196 -1.74 -3.12 -14.29
C ALA A 196 -0.23 -3.19 -14.10
N TRP A 197 0.36 -2.12 -13.56
CA TRP A 197 1.82 -2.02 -13.45
C TRP A 197 2.16 -1.60 -12.04
N LEU A 198 2.71 -2.53 -11.26
CA LEU A 198 3.07 -2.27 -9.87
C LEU A 198 4.55 -1.92 -9.76
N PHE A 199 4.84 -0.79 -9.11
CA PHE A 199 6.18 -0.40 -8.70
C PHE A 199 6.21 -0.41 -7.18
N LEU A 200 7.21 -1.07 -6.59
CA LEU A 200 7.29 -1.20 -5.14
C LEU A 200 8.69 -0.85 -4.67
N GLY A 201 8.79 0.11 -3.76
CA GLY A 201 10.05 0.45 -3.11
C GLY A 201 10.04 0.00 -1.66
N VAL A 202 11.09 -0.75 -1.29
CA VAL A 202 11.32 -1.20 0.08
C VAL A 202 12.81 -1.13 0.35
N ALA A 203 13.21 -1.45 1.60
CA ALA A 203 14.60 -1.24 2.01
C ALA A 203 15.54 -2.28 1.41
N ASN A 204 15.11 -3.54 1.34
CA ASN A 204 15.96 -4.63 0.85
C ASN A 204 15.06 -5.81 0.50
N SER A 205 15.67 -6.87 -0.02
N SER A 205 15.67 -6.85 -0.05
CA SER A 205 14.89 -8.02 -0.48
CA SER A 205 14.91 -8.02 -0.47
C SER A 205 14.12 -8.67 0.66
C SER A 205 14.09 -8.61 0.67
N ASP A 206 14.68 -8.68 1.87
CA ASP A 206 13.98 -9.20 3.04
C ASP A 206 12.79 -8.35 3.46
N SER A 207 12.70 -7.12 2.97
CA SER A 207 11.59 -6.22 3.28
C SER A 207 10.48 -6.26 2.24
N LEU A 208 10.61 -7.08 1.21
CA LEU A 208 9.54 -7.19 0.23
C LEU A 208 8.28 -7.74 0.87
N LEU A 209 7.14 -7.35 0.30
CA LEU A 209 5.82 -7.67 0.83
C LEU A 209 5.00 -8.32 -0.27
N TYR A 210 4.59 -9.58 -0.06
CA TYR A 210 3.74 -10.30 -1.01
C TYR A 210 4.43 -10.57 -2.34
N ASP A 211 5.77 -10.67 -2.35
CA ASP A 211 6.51 -10.75 -3.61
C ASP A 211 6.12 -11.99 -4.42
N GLU A 212 5.91 -13.13 -3.76
CA GLU A 212 5.57 -14.33 -4.51
C GLU A 212 4.23 -14.20 -5.21
N GLU A 213 3.27 -13.54 -4.56
CA GLU A 213 1.96 -13.32 -5.18
C GLU A 213 2.10 -12.45 -6.43
N PHE A 214 2.84 -11.34 -6.32
CA PHE A 214 2.99 -10.46 -7.47
C PHE A 214 3.78 -11.14 -8.59
N THR A 215 4.84 -11.87 -8.23
CA THR A 215 5.60 -12.56 -9.26
C THR A 215 4.75 -13.59 -9.98
N SER A 216 3.81 -14.23 -9.26
N SER A 216 3.82 -14.23 -9.27
CA SER A 216 2.93 -15.20 -9.90
CA SER A 216 2.95 -15.21 -9.92
C SER A 216 2.09 -14.55 -11.00
C SER A 216 2.08 -14.56 -10.99
N TYR A 217 1.66 -13.31 -10.78
CA TYR A 217 0.87 -12.64 -11.82
C TYR A 217 1.67 -12.42 -13.10
N LEU A 218 3.00 -12.25 -13.00
CA LEU A 218 3.79 -12.10 -14.22
C LEU A 218 3.71 -13.34 -15.08
N LYS A 219 3.60 -14.51 -14.46
CA LYS A 219 3.55 -15.76 -15.20
C LYS A 219 2.14 -16.10 -15.66
N GLN A 220 1.12 -15.66 -14.91
CA GLN A 220 -0.27 -15.93 -15.27
C GLN A 220 -0.84 -14.92 -16.25
N TYR A 221 -0.44 -13.66 -16.13
CA TYR A 221 -0.95 -12.57 -16.96
C TYR A 221 0.18 -11.73 -17.55
N PRO A 222 1.06 -12.36 -18.33
CA PRO A 222 2.24 -11.63 -18.83
C PRO A 222 1.91 -10.48 -19.74
N ASP A 223 0.74 -10.48 -20.36
CA ASP A 223 0.34 -9.38 -21.24
C ASP A 223 -0.51 -8.33 -20.53
N ASN A 224 -0.79 -8.49 -19.24
CA ASN A 224 -1.64 -7.56 -18.52
C ASN A 224 -1.04 -7.04 -17.22
N PHE A 225 0.12 -7.54 -16.80
CA PHE A 225 0.70 -7.18 -15.52
C PHE A 225 2.20 -6.97 -15.70
N ARG A 226 2.71 -5.88 -15.11
CA ARG A 226 4.14 -5.60 -15.03
C ARG A 226 4.47 -5.27 -13.58
N TYR A 227 5.73 -5.50 -13.19
CA TYR A 227 6.12 -5.45 -11.78
C TYR A 227 7.59 -5.08 -11.69
N ASP A 228 7.89 -3.97 -11.02
CA ASP A 228 9.26 -3.48 -10.87
C ASP A 228 9.51 -3.09 -9.43
N LYS A 229 10.70 -3.40 -8.91
N LYS A 229 10.66 -3.49 -8.91
CA LYS A 229 11.05 -3.20 -7.50
CA LYS A 229 11.02 -3.32 -7.51
C LYS A 229 12.25 -2.29 -7.34
C LYS A 229 12.29 -2.51 -7.41
N ALA A 230 12.25 -1.53 -6.23
N ALA A 230 12.34 -1.64 -6.42
CA ALA A 230 13.40 -0.71 -5.82
CA ALA A 230 13.56 -0.94 -6.04
C ALA A 230 13.76 -1.03 -4.38
C ALA A 230 13.98 -1.49 -4.69
N LEU A 231 15.03 -1.36 -4.14
N LEU A 231 15.09 -2.20 -4.66
CA LEU A 231 15.50 -1.83 -2.83
CA LEU A 231 15.69 -2.66 -3.41
C LEU A 231 16.55 -0.82 -2.35
C LEU A 231 16.83 -1.70 -3.13
N SER A 232 16.16 0.10 -1.45
N SER A 232 16.54 -0.67 -2.32
CA SER A 232 16.94 1.32 -1.24
CA SER A 232 17.45 0.47 -2.24
C SER A 232 18.31 1.07 -0.63
C SER A 232 18.81 0.11 -1.65
N ARG A 233 18.40 0.13 0.32
N ARG A 233 18.87 -0.90 -0.78
CA ARG A 233 19.67 -0.14 0.99
CA ARG A 233 20.11 -1.27 -0.11
C ARG A 233 20.55 -1.13 0.23
C ARG A 233 20.92 -2.29 -0.87
N GLU A 234 20.06 -1.72 -0.85
N GLU A 234 20.37 -2.91 -1.92
CA GLU A 234 20.79 -2.71 -1.62
CA GLU A 234 21.13 -3.93 -2.65
C GLU A 234 21.05 -2.31 -3.06
C GLU A 234 21.08 -3.75 -4.16
N GLN A 235 20.47 -1.20 -3.53
N GLN A 235 20.52 -2.66 -4.66
CA GLN A 235 20.57 -0.79 -4.91
CA GLN A 235 20.51 -2.38 -6.09
C GLN A 235 20.79 0.71 -4.97
C GLN A 235 20.96 -0.95 -6.34
N LYS A 236 21.39 1.15 -6.08
N LYS A 236 21.60 -0.76 -7.47
CA LYS A 236 21.70 2.55 -6.32
CA LYS A 236 22.01 0.57 -7.93
C LYS A 236 21.18 3.02 -7.66
C LYS A 236 21.28 0.89 -9.22
N ASN A 237 20.71 4.26 -7.68
N ASN A 237 20.89 2.15 -9.36
CA ASN A 237 20.23 4.85 -8.92
CA ASN A 237 20.34 2.62 -10.62
C ASN A 237 21.41 5.30 -9.77
C ASN A 237 21.44 2.73 -11.67
N ARG A 238 21.08 5.76 -10.97
N ARG A 238 21.05 3.08 -12.90
CA ARG A 238 22.08 6.15 -11.96
CA ARG A 238 22.00 3.11 -14.00
C ARG A 238 22.85 7.39 -11.53
C ARG A 238 23.07 4.18 -13.83
N SER A 239 22.28 8.22 -10.66
N SER A 239 22.80 5.21 -13.02
CA SER A 239 22.95 9.35 -10.02
CA SER A 239 23.84 6.20 -12.71
C SER A 239 23.38 9.00 -8.61
C SER A 239 24.82 5.66 -11.69
N GLY A 240 23.48 7.70 -8.31
N GLY A 240 24.37 4.75 -10.83
CA GLY A 240 24.10 7.12 -7.15
CA GLY A 240 25.20 4.20 -9.77
C GLY A 240 23.55 7.44 -5.79
C GLY A 240 24.76 4.61 -8.38
N GLY A 241 22.38 8.04 -5.70
N GLY A 241 23.68 5.37 -8.25
CA GLY A 241 21.64 7.99 -4.46
CA GLY A 241 23.12 5.67 -6.95
C GLY A 241 21.10 6.59 -4.23
C GLY A 241 22.17 4.57 -6.49
N LYS A 242 20.55 6.38 -3.04
N LYS A 242 21.65 4.75 -5.28
CA LYS A 242 19.83 5.14 -2.79
CA LYS A 242 20.73 3.76 -4.72
C LYS A 242 18.70 4.99 -3.80
C LYS A 242 19.44 3.72 -5.54
N MET A 243 18.41 3.75 -4.17
N MET A 243 18.92 2.51 -5.73
CA MET A 243 17.39 3.47 -5.18
CA MET A 243 17.72 2.33 -6.55
C MET A 243 16.01 3.59 -4.56
C MET A 243 16.48 2.59 -5.71
N TYR A 244 15.24 4.58 -5.00
N TYR A 244 15.84 3.73 -5.93
CA TYR A 244 13.88 4.81 -4.52
CA TYR A 244 14.55 4.03 -5.33
C TYR A 244 12.88 4.56 -5.65
C TYR A 244 13.45 3.81 -6.37
N VAL A 245 11.61 4.48 -5.29
N VAL A 245 12.20 3.79 -5.88
CA VAL A 245 10.60 4.11 -6.27
CA VAL A 245 11.10 3.49 -6.79
C VAL A 245 10.57 5.11 -7.43
C VAL A 245 11.03 4.48 -7.94
N GLN A 246 10.85 6.39 -7.18
N GLN A 246 11.37 5.75 -7.68
CA GLN A 246 10.86 7.37 -8.27
CA GLN A 246 11.36 6.74 -8.75
C GLN A 246 11.97 7.08 -9.27
C GLN A 246 12.43 6.44 -9.81
N ASP A 247 13.06 6.47 -8.82
N ASP A 247 13.56 5.86 -9.42
CA ASP A 247 14.14 6.11 -9.73
CA ASP A 247 14.52 5.43 -10.43
C ASP A 247 13.73 5.01 -10.70
C ASP A 247 13.92 4.34 -11.30
N LYS A 248 12.88 4.07 -10.27
N LYS A 248 13.07 3.49 -10.72
CA LYS A 248 12.49 2.98 -11.17
CA LYS A 248 12.28 2.56 -11.54
C LYS A 248 11.51 3.44 -12.24
C LYS A 248 11.29 3.31 -12.40
N ILE A 249 10.57 4.31 -11.86
CA ILE A 249 9.70 5.05 -12.77
C ILE A 249 10.53 5.66 -13.89
N GLU A 250 11.66 6.27 -13.54
CA GLU A 250 12.50 6.94 -14.52
C GLU A 250 13.08 5.96 -15.54
N GLU A 251 13.38 4.71 -15.13
CA GLU A 251 13.82 3.70 -16.10
C GLU A 251 12.79 3.45 -17.19
N TYR A 252 11.52 3.73 -16.94
CA TYR A 252 10.46 3.56 -17.92
C TYR A 252 9.80 4.89 -18.26
N SER A 253 10.61 5.96 -18.28
N SER A 253 10.58 5.97 -18.29
CA SER A 253 10.13 7.33 -18.45
CA SER A 253 9.98 7.30 -18.38
C SER A 253 9.17 7.45 -19.63
C SER A 253 9.13 7.47 -19.65
N ASP A 254 9.61 7.00 -20.80
CA ASP A 254 8.85 7.18 -22.03
CA ASP A 254 8.85 7.18 -22.03
C ASP A 254 7.58 6.35 -22.02
N GLU A 255 7.68 5.07 -21.65
CA GLU A 255 6.50 4.23 -21.53
C GLU A 255 5.47 4.83 -20.59
N ILE A 256 5.90 5.31 -19.42
N ILE A 256 5.91 5.30 -19.43
CA ILE A 256 4.97 5.80 -18.43
CA ILE A 256 4.99 5.80 -18.42
C ILE A 256 4.30 7.09 -18.89
C ILE A 256 4.30 7.09 -18.91
N PHE A 257 5.08 8.02 -19.45
CA PHE A 257 4.48 9.27 -19.91
C PHE A 257 3.49 9.02 -21.05
N LYS A 258 3.82 8.10 -21.96
N LYS A 258 3.84 8.10 -21.96
CA LYS A 258 2.89 7.74 -23.03
CA LYS A 258 2.90 7.73 -23.03
C LYS A 258 1.61 7.12 -22.46
C LYS A 258 1.62 7.15 -22.44
N LEU A 259 1.73 6.28 -21.44
CA LEU A 259 0.53 5.70 -20.84
C LEU A 259 -0.33 6.77 -20.18
N LEU A 260 0.31 7.71 -19.45
CA LEU A 260 -0.43 8.80 -18.84
C LEU A 260 -1.16 9.61 -19.89
N ASP A 261 -0.48 9.94 -21.00
CA ASP A 261 -1.12 10.69 -22.08
C ASP A 261 -2.28 9.92 -22.68
N GLY A 262 -2.22 8.59 -22.66
CA GLY A 262 -3.30 7.77 -23.15
C GLY A 262 -4.44 7.54 -22.18
N GLY A 263 -4.37 8.12 -20.99
CA GLY A 263 -5.47 8.03 -20.04
C GLY A 263 -5.24 7.14 -18.84
N ALA A 264 -4.02 6.67 -18.61
CA ALA A 264 -3.77 5.77 -17.48
C ALA A 264 -4.04 6.47 -16.16
N HIS A 265 -4.54 5.69 -15.21
CA HIS A 265 -4.58 6.10 -13.81
C HIS A 265 -3.24 5.82 -13.16
N ILE A 266 -2.84 6.70 -12.26
CA ILE A 266 -1.62 6.51 -11.49
C ILE A 266 -1.93 6.76 -10.02
N TYR A 267 -1.40 5.87 -9.17
CA TYR A 267 -1.73 5.81 -7.75
C TYR A 267 -0.44 5.86 -6.95
N PHE A 268 -0.51 6.52 -5.79
CA PHE A 268 0.62 6.59 -4.87
C PHE A 268 0.13 6.29 -3.47
N CYS A 269 0.83 5.39 -2.77
CA CYS A 269 0.42 5.04 -1.43
C CYS A 269 1.63 4.65 -0.61
N GLY A 270 1.60 5.00 0.67
CA GLY A 270 2.68 4.72 1.60
C GLY A 270 2.98 5.92 2.46
N LEU A 271 4.15 5.91 3.10
CA LEU A 271 4.53 7.04 3.94
C LEU A 271 4.76 8.28 3.08
N LYS A 272 4.29 9.42 3.58
CA LYS A 272 4.25 10.66 2.79
C LYS A 272 5.63 11.14 2.35
N GLY A 273 6.69 10.74 3.06
CA GLY A 273 8.04 11.08 2.65
C GLY A 273 8.42 10.55 1.28
N MET A 274 7.64 9.63 0.71
CA MET A 274 7.96 9.13 -0.62
C MET A 274 7.71 10.17 -1.71
N MET A 275 6.85 11.17 -1.43
N MET A 275 6.85 11.13 -1.46
CA MET A 275 6.27 12.04 -2.45
CA MET A 275 6.42 11.98 -2.57
C MET A 275 7.19 13.17 -2.94
C MET A 275 7.49 12.96 -3.10
N PRO A 276 7.84 13.95 -2.07
N PRO A 276 8.44 13.47 -2.29
CA PRO A 276 8.71 15.03 -2.60
CA PRO A 276 9.43 14.42 -2.85
C PRO A 276 9.72 14.54 -3.62
C PRO A 276 10.31 13.85 -3.95
N GLY A 277 10.32 13.37 -3.41
N GLY A 277 10.95 12.70 -3.72
CA GLY A 277 11.28 12.85 -4.37
CA GLY A 277 11.75 12.09 -4.78
C GLY A 277 10.65 12.39 -5.67
C GLY A 277 10.93 11.81 -6.01
N ILE A 278 9.49 11.74 -5.59
N ILE A 278 9.64 11.53 -5.83
CA ILE A 278 8.78 11.34 -6.80
CA ILE A 278 8.73 11.29 -6.95
C ILE A 278 8.46 12.56 -7.66
C ILE A 278 8.46 12.58 -7.71
N GLN A 279 8.00 13.63 -7.02
CA GLN A 279 7.73 14.88 -7.74
C GLN A 279 8.99 15.42 -8.40
N ASP A 280 10.13 15.34 -7.71
CA ASP A 280 11.39 15.81 -8.30
C ASP A 280 11.74 15.02 -9.55
N THR A 281 11.61 13.69 -9.50
CA THR A 281 11.91 12.86 -10.66
C THR A 281 10.95 13.17 -11.81
N LEU A 282 9.65 13.29 -11.52
CA LEU A 282 8.69 13.55 -12.59
C LEU A 282 8.94 14.90 -13.23
N LYS A 283 9.32 15.90 -12.44
CA LYS A 283 9.65 17.21 -13.01
C LYS A 283 10.86 17.10 -13.95
N LYS A 284 11.89 16.36 -13.55
CA LYS A 284 13.08 16.22 -14.36
C LYS A 284 12.80 15.42 -15.63
N VAL A 285 12.01 14.35 -15.52
CA VAL A 285 11.63 13.57 -16.70
C VAL A 285 10.87 14.45 -17.69
N ALA A 286 9.90 15.21 -17.18
CA ALA A 286 9.14 16.11 -18.05
C ALA A 286 10.07 17.10 -18.75
N GLU A 287 10.98 17.72 -17.99
CA GLU A 287 11.89 18.69 -18.58
CA GLU A 287 11.90 18.69 -18.57
C GLU A 287 12.73 18.08 -19.69
N ARG A 288 13.22 16.85 -19.48
CA ARG A 288 14.02 16.20 -20.52
C ARG A 288 13.22 15.97 -21.79
N ARG A 289 11.91 15.76 -21.65
CA ARG A 289 11.03 15.59 -22.79
C ARG A 289 10.56 16.92 -23.36
N GLY A 290 10.92 18.04 -22.75
CA GLY A 290 10.43 19.33 -23.21
C GLY A 290 9.03 19.66 -22.77
N GLU A 291 8.56 19.05 -21.68
CA GLU A 291 7.23 19.27 -21.14
CA GLU A 291 7.23 19.25 -21.13
C GLU A 291 7.31 19.94 -19.78
N SER A 292 6.23 20.60 -19.39
CA SER A 292 6.10 21.19 -18.06
C SER A 292 5.38 20.20 -17.15
N TRP A 293 6.07 19.75 -16.10
CA TRP A 293 5.40 18.83 -15.16
C TRP A 293 4.22 19.51 -14.46
N ASP A 294 4.36 20.80 -14.12
CA ASP A 294 3.22 21.50 -13.50
C ASP A 294 1.98 21.40 -14.39
N GLN A 295 2.12 21.70 -15.68
CA GLN A 295 0.96 21.63 -16.55
C GLN A 295 0.45 20.20 -16.70
N LYS A 296 1.36 19.23 -16.76
CA LYS A 296 0.94 17.83 -16.88
C LYS A 296 0.19 17.38 -15.64
N LEU A 297 0.72 17.70 -14.45
CA LEU A 297 0.05 17.30 -13.22
C LEU A 297 -1.32 17.98 -13.08
N ALA A 298 -1.40 19.26 -13.46
CA ALA A 298 -2.71 19.92 -13.44
C ALA A 298 -3.71 19.19 -14.34
N GLN A 299 -3.26 18.77 -15.52
N GLN A 299 -3.27 18.74 -15.52
CA GLN A 299 -4.12 18.03 -16.43
CA GLN A 299 -4.21 18.04 -16.39
C GLN A 299 -4.54 16.69 -15.82
C GLN A 299 -4.55 16.66 -15.87
N LEU A 300 -3.57 15.95 -15.28
CA LEU A 300 -3.88 14.64 -14.68
C LEU A 300 -4.90 14.78 -13.55
N LYS A 301 -4.77 15.81 -12.73
CA LYS A 301 -5.74 16.03 -11.66
CA LYS A 301 -5.75 16.02 -11.66
C LYS A 301 -7.11 16.41 -12.23
N LYS A 302 -7.12 17.30 -13.23
CA LYS A 302 -8.40 17.68 -13.84
C LYS A 302 -9.10 16.47 -14.45
N ASN A 303 -8.34 15.56 -15.05
CA ASN A 303 -8.85 14.35 -15.70
CA ASN A 303 -8.91 14.37 -15.69
C ASN A 303 -9.14 13.23 -14.72
N LYS A 304 -8.88 13.43 -13.43
CA LYS A 304 -9.14 12.41 -12.40
C LYS A 304 -8.30 11.15 -12.60
N GLN A 305 -7.06 11.34 -13.05
CA GLN A 305 -6.11 10.26 -13.26
C GLN A 305 -5.12 10.09 -12.11
N TRP A 306 -5.10 11.01 -11.14
CA TRP A 306 -4.03 11.12 -10.16
C TRP A 306 -4.59 10.81 -8.77
N HIS A 307 -4.11 9.75 -8.13
CA HIS A 307 -4.74 9.23 -6.91
C HIS A 307 -3.66 9.03 -5.85
N VAL A 308 -3.71 9.83 -4.78
CA VAL A 308 -2.66 9.81 -3.76
C VAL A 308 -3.28 9.59 -2.39
N GLU A 309 -2.79 8.58 -1.68
CA GLU A 309 -3.15 8.44 -0.27
C GLU A 309 -1.86 8.08 0.49
N VAL A 310 -1.25 9.09 1.08
CA VAL A 310 0.01 8.91 1.80
C VAL A 310 -0.17 9.45 3.21
N TYR A 311 0.68 8.99 4.11
CA TYR A 311 0.42 9.23 5.52
C TYR A 311 1.70 9.31 6.36
O1 MES B . 3.07 19.09 -0.31
C2 MES B . 2.60 18.04 -1.17
C3 MES B . 1.11 17.77 -1.04
N4 MES B . 0.43 19.03 -1.17
C5 MES B . 0.84 20.09 -0.26
C6 MES B . 2.34 20.30 -0.42
C7 MES B . -1.01 19.04 -1.48
C8 MES B . -1.42 17.67 -2.05
S MES B . -2.96 17.82 -2.66
O1S MES B . -3.04 19.07 -3.46
O2S MES B . -3.95 17.90 -1.56
O3S MES B . -3.27 16.65 -3.54
C1 GOL C . 1.92 -13.45 2.28
O1 GOL C . 1.49 -13.68 0.97
C2 GOL C . 0.83 -14.00 3.23
O2 GOL C . -0.41 -13.42 3.02
C3 GOL C . 0.81 -15.52 2.98
O3 GOL C . -0.22 -15.76 2.06
C1 GOL D . 11.99 -9.39 11.36
O1 GOL D . 12.39 -10.57 10.74
C2 GOL D . 13.06 -8.33 11.07
O2 GOL D . 14.34 -8.81 11.28
C3 GOL D . 12.72 -7.14 12.00
O3 GOL D . 13.79 -6.27 11.95
C1 GOL E . -22.81 -12.07 11.55
O1 GOL E . -21.43 -12.14 11.73
C2 GOL E . -23.28 -13.51 11.26
O2 GOL E . -23.69 -14.17 12.41
C3 GOL E . -24.42 -13.37 10.24
O3 GOL E . -24.26 -14.39 9.34
PA FAD F . 1.21 6.20 17.68
O1A FAD F . 1.00 5.67 19.04
O2A FAD F . 0.16 7.03 17.03
O5B FAD F . 2.60 6.96 17.69
C5B FAD F . 3.03 7.67 16.51
C4B FAD F . 4.53 7.66 16.44
O4B FAD F . 5.07 8.45 17.52
C3B FAD F . 5.20 6.29 16.52
O3B FAD F . 6.27 6.22 15.59
C2B FAD F . 5.76 6.27 17.94
O2B FAD F . 6.89 5.40 18.02
C1B FAD F . 6.13 7.73 18.12
N9A FAD F . 6.26 8.17 19.50
C8A FAD F . 5.34 8.03 20.50
N7A FAD F . 5.68 8.60 21.63
C5A FAD F . 6.92 9.16 21.35
C6A FAD F . 7.81 9.94 22.13
N6A FAD F . 7.58 10.28 23.40
N1A FAD F . 8.94 10.35 21.53
C2A FAD F . 9.17 10.02 20.25
N3A FAD F . 8.40 9.31 19.43
C4A FAD F . 7.28 8.90 20.04
N1 FAD F . 0.18 2.23 8.70
C2 FAD F . 0.55 0.95 8.38
O2 FAD F . 1.41 0.34 9.01
N3 FAD F . -0.08 0.30 7.34
C4 FAD F . -1.07 0.84 6.54
O4 FAD F . -1.52 0.18 5.59
C4X FAD F . -1.47 2.18 6.89
N5 FAD F . -2.43 2.73 6.20
C5X FAD F . -2.82 4.03 6.54
C6 FAD F . -3.85 4.62 5.81
C7 FAD F . -4.27 5.91 6.11
C7M FAD F . -5.39 6.53 5.30
C8 FAD F . -3.65 6.63 7.15
C8M FAD F . -4.08 8.03 7.48
C9 FAD F . -2.63 6.03 7.88
C9A FAD F . -2.21 4.74 7.59
N10 FAD F . -1.18 4.08 8.33
C10 FAD F . -0.79 2.80 8.00
C1' FAD F . -0.60 4.71 9.53
C2' FAD F . -1.38 4.31 10.78
O2' FAD F . -2.67 4.94 10.78
C3' FAD F . -0.67 4.75 12.06
O3' FAD F . -0.42 6.16 12.04
C4' FAD F . 0.64 4.02 12.36
O4' FAD F . 0.40 2.62 12.40
C5' FAD F . 1.25 4.47 13.67
O5' FAD F . 0.23 4.35 14.69
P FAD F . 0.60 3.81 16.15
O1P FAD F . -0.64 3.80 16.95
O2P FAD F . 1.40 2.56 16.07
O3P FAD F . 1.56 4.99 16.68
#